data_8R29
#
_entry.id   8R29
#
_cell.length_a   49.172
_cell.length_b   49.172
_cell.length_c   86.458
_cell.angle_alpha   90.000
_cell.angle_beta   90.000
_cell.angle_gamma   90.000
#
_symmetry.space_group_name_H-M   'P 43'
#
loop_
_entity.id
_entity.type
_entity.pdbx_description
1 polymer 'Cystatin domain-containing protein'
2 water water
#
_entity_poly.entity_id   1
_entity_poly.type   'polypeptide(L)'
_entity_poly.pdbx_seq_one_letter_code
;MEETPRLVGGWQKKPVDGNQLFTELAHFAVGNQVGDREFFDTVLEVIDAETQVVAGTNYRLTFKIAESTCRVTETYTKEL
CLPKTQDVKDTCTAVIYDVPWLNQRSVSSFTCGVNAAST
;
_entity_poly.pdbx_strand_id   A,B
#
# COMPACT_ATOMS: atom_id res chain seq x y z
N LEU A 7 10.86 -6.50 -8.86
CA LEU A 7 11.17 -7.95 -8.78
C LEU A 7 10.44 -8.58 -7.58
N VAL A 8 10.27 -9.90 -7.61
CA VAL A 8 9.78 -10.61 -6.44
C VAL A 8 10.67 -11.80 -6.22
N GLY A 9 11.03 -11.98 -4.95
CA GLY A 9 11.96 -13.02 -4.51
C GLY A 9 11.18 -14.20 -4.01
N GLY A 10 11.83 -15.32 -3.73
CA GLY A 10 11.12 -16.49 -3.25
C GLY A 10 10.72 -16.36 -1.78
N TRP A 11 9.63 -17.03 -1.41
CA TRP A 11 9.27 -17.28 -0.02
C TRP A 11 10.32 -18.08 0.70
N GLN A 12 10.75 -17.61 1.89
CA GLN A 12 11.67 -18.34 2.74
C GLN A 12 11.06 -18.53 4.14
N LYS A 13 11.14 -19.77 4.69
CA LYS A 13 10.83 -20.00 6.09
C LYS A 13 11.88 -19.30 6.94
N LYS A 14 11.42 -18.64 8.02
CA LYS A 14 12.30 -18.03 8.98
C LYS A 14 12.00 -18.66 10.34
N PRO A 15 12.94 -18.59 11.33
CA PRO A 15 12.63 -18.92 12.73
C PRO A 15 11.82 -17.83 13.42
N VAL A 16 10.83 -18.25 14.21
CA VAL A 16 10.04 -17.36 15.04
C VAL A 16 10.91 -16.79 16.16
N ASP A 17 11.53 -17.68 16.96
CA ASP A 17 12.63 -17.31 17.83
C ASP A 17 12.24 -16.13 18.70
N GLY A 18 13.07 -15.08 18.62
CA GLY A 18 12.83 -13.86 19.35
C GLY A 18 12.60 -12.68 18.41
N ASN A 19 11.97 -12.97 17.26
CA ASN A 19 11.68 -11.93 16.29
C ASN A 19 10.46 -11.13 16.77
N GLN A 20 10.73 -9.90 17.19
CA GLN A 20 9.74 -9.01 17.78
C GLN A 20 8.81 -8.52 16.67
N LEU A 21 9.41 -8.26 15.51
CA LEU A 21 8.71 -7.69 14.37
C LEU A 21 7.60 -8.64 13.89
N PHE A 22 7.84 -9.94 13.99
CA PHE A 22 6.81 -10.88 13.60
C PHE A 22 5.59 -10.67 14.48
N THR A 23 5.86 -10.52 15.77
CA THR A 23 4.83 -10.39 16.79
C THR A 23 4.13 -9.06 16.52
N GLU A 24 4.90 -8.00 16.29
CA GLU A 24 4.35 -6.69 15.96
C GLU A 24 3.48 -6.77 14.69
N LEU A 25 3.91 -7.52 13.68
CA LEU A 25 3.13 -7.55 12.44
C LEU A 25 1.89 -8.42 12.60
N ALA A 26 1.99 -9.53 13.34
CA ALA A 26 0.81 -10.29 13.67
C ALA A 26 -0.27 -9.47 14.41
N HIS A 27 0.14 -8.73 15.45
CA HIS A 27 -0.77 -7.87 16.20
C HIS A 27 -1.41 -6.86 15.28
N PHE A 28 -0.60 -6.31 14.37
CA PHE A 28 -1.08 -5.38 13.38
C PHE A 28 -2.21 -5.97 12.54
N ALA A 29 -2.03 -7.18 11.99
CA ALA A 29 -3.09 -7.89 11.29
C ALA A 29 -4.35 -8.16 12.14
N VAL A 30 -4.20 -8.78 13.31
CA VAL A 30 -5.39 -9.24 14.04
C VAL A 30 -6.08 -8.05 14.71
N GLY A 31 -5.32 -7.04 15.15
CA GLY A 31 -5.92 -5.77 15.59
C GLY A 31 -6.73 -4.98 14.53
N ASN A 32 -6.68 -5.40 13.28
CA ASN A 32 -7.39 -4.73 12.20
C ASN A 32 -8.52 -5.59 11.68
N GLN A 33 -8.91 -6.67 12.41
CA GLN A 33 -10.07 -7.47 12.04
C GLN A 33 -11.26 -7.21 12.98
N VAL A 34 -12.21 -6.42 12.50
CA VAL A 34 -13.39 -6.05 13.26
C VAL A 34 -14.55 -6.95 12.77
N GLY A 35 -15.13 -6.66 11.60
CA GLY A 35 -16.14 -7.54 11.04
C GLY A 35 -17.41 -7.62 11.90
N ASP A 36 -17.69 -8.82 12.46
CA ASP A 36 -18.89 -9.08 13.25
C ASP A 36 -18.54 -9.62 14.64
N ARG A 37 -17.32 -9.31 15.12
CA ARG A 37 -16.86 -9.69 16.45
C ARG A 37 -17.21 -8.59 17.43
N GLU A 38 -17.55 -8.99 18.65
CA GLU A 38 -17.89 -8.04 19.69
C GLU A 38 -16.61 -7.56 20.35
N PHE A 39 -15.65 -8.49 20.53
CA PHE A 39 -14.32 -8.13 20.97
C PHE A 39 -13.29 -8.40 19.84
N PHE A 40 -12.22 -7.59 19.80
CA PHE A 40 -11.02 -7.94 19.04
C PHE A 40 -10.46 -9.26 19.57
N ASP A 41 -9.91 -10.06 18.65
CA ASP A 41 -8.98 -11.13 18.98
C ASP A 41 -7.58 -10.51 19.01
N THR A 42 -6.62 -11.24 19.63
CA THR A 42 -5.27 -10.78 19.85
C THR A 42 -4.39 -12.00 19.73
N VAL A 43 -3.07 -11.82 19.79
CA VAL A 43 -2.12 -12.86 19.47
C VAL A 43 -1.73 -13.56 20.76
N LEU A 44 -1.87 -14.89 20.80
CA LEU A 44 -1.25 -15.72 21.82
C LEU A 44 0.17 -16.09 21.39
N GLU A 45 0.35 -16.63 20.18
CA GLU A 45 1.70 -16.82 19.66
C GLU A 45 1.70 -17.05 18.16
N VAL A 46 2.86 -16.67 17.58
CA VAL A 46 3.19 -16.98 16.20
C VAL A 46 3.90 -18.33 16.17
N ILE A 47 3.63 -19.13 15.14
CA ILE A 47 4.10 -20.51 15.09
C ILE A 47 4.81 -20.82 13.78
N ASP A 48 4.43 -20.15 12.67
CA ASP A 48 5.18 -20.20 11.41
C ASP A 48 5.33 -18.78 10.88
N ALA A 49 6.42 -18.57 10.12
CA ALA A 49 6.78 -17.28 9.56
C ALA A 49 7.58 -17.47 8.28
N GLU A 50 7.13 -16.83 7.19
CA GLU A 50 7.82 -16.79 5.91
C GLU A 50 7.88 -15.35 5.40
N THR A 51 8.96 -15.09 4.64
CA THR A 51 9.23 -13.77 4.10
C THR A 51 9.67 -13.82 2.64
N GLN A 52 9.46 -12.69 1.97
CA GLN A 52 9.55 -12.61 0.54
C GLN A 52 9.90 -11.18 0.21
N VAL A 53 11.07 -10.96 -0.42
CA VAL A 53 11.37 -9.66 -0.94
C VAL A 53 10.43 -9.35 -2.10
N VAL A 54 10.00 -8.10 -2.12
CA VAL A 54 9.15 -7.56 -3.18
C VAL A 54 9.58 -6.14 -3.44
N ALA A 55 10.23 -5.91 -4.58
CA ALA A 55 10.69 -4.59 -4.93
C ALA A 55 9.73 -3.92 -5.91
N GLY A 56 9.52 -2.64 -5.65
CA GLY A 56 8.80 -1.72 -6.52
C GLY A 56 9.68 -0.53 -6.93
N THR A 57 9.06 0.39 -7.67
CA THR A 57 9.69 1.62 -8.06
C THR A 57 8.83 2.81 -7.65
N ASN A 58 9.48 3.76 -7.02
CA ASN A 58 8.89 5.01 -6.56
C ASN A 58 9.22 6.05 -7.60
N TYR A 59 8.20 6.78 -8.10
CA TYR A 59 8.40 7.68 -9.20
C TYR A 59 8.02 9.08 -8.73
N ARG A 60 8.83 10.04 -9.09
CA ARG A 60 8.59 11.44 -8.86
C ARG A 60 8.53 12.07 -10.23
N LEU A 61 7.31 12.46 -10.61
CA LEU A 61 6.99 12.92 -11.94
C LEU A 61 6.53 14.35 -11.89
N THR A 62 7.02 15.17 -12.81
CA THR A 62 6.57 16.54 -12.92
C THR A 62 5.90 16.66 -14.28
N PHE A 63 4.76 17.33 -14.33
CA PHE A 63 4.01 17.34 -15.57
C PHE A 63 3.07 18.53 -15.62
N LYS A 64 2.78 18.89 -16.87
CA LYS A 64 1.83 19.94 -17.18
C LYS A 64 0.44 19.34 -17.22
N ILE A 65 -0.54 20.07 -16.69
CA ILE A 65 -1.94 19.67 -16.73
C ILE A 65 -2.81 20.68 -17.47
N ALA A 66 -4.00 20.21 -17.88
CA ALA A 66 -5.08 21.01 -18.44
C ALA A 66 -6.38 20.53 -17.82
N GLU A 67 -7.46 21.32 -17.91
CA GLU A 67 -8.75 20.83 -17.47
C GLU A 67 -9.21 19.87 -18.55
N SER A 68 -9.78 18.75 -18.13
CA SER A 68 -10.28 17.75 -19.04
C SER A 68 -11.78 17.98 -19.20
N THR A 69 -12.38 17.26 -20.18
CA THR A 69 -13.79 17.28 -20.49
C THR A 69 -14.59 16.35 -19.59
N CYS A 70 -13.93 15.44 -18.83
CA CYS A 70 -14.65 14.48 -18.00
C CYS A 70 -14.98 15.07 -16.62
N ARG A 71 -16.26 14.97 -16.24
CA ARG A 71 -16.74 15.26 -14.90
C ARG A 71 -16.18 14.23 -13.91
N VAL A 72 -15.95 14.68 -12.66
CA VAL A 72 -15.33 13.81 -11.68
C VAL A 72 -16.25 12.67 -11.26
N THR A 73 -17.53 12.70 -11.65
CA THR A 73 -18.45 11.60 -11.37
C THR A 73 -18.06 10.37 -12.19
N GLU A 74 -17.37 10.60 -13.31
CA GLU A 74 -17.04 9.56 -14.29
C GLU A 74 -15.78 8.83 -13.83
N THR A 75 -15.48 7.72 -14.50
CA THR A 75 -14.24 7.00 -14.41
C THR A 75 -13.21 7.57 -15.41
N TYR A 76 -12.06 8.02 -14.90
CA TYR A 76 -11.06 8.70 -15.69
C TYR A 76 -10.41 7.69 -16.61
N THR A 77 -10.08 8.13 -17.83
CA THR A 77 -9.25 7.39 -18.78
C THR A 77 -8.47 8.42 -19.60
N LYS A 78 -7.20 8.14 -19.85
CA LYS A 78 -6.41 8.89 -20.81
C LYS A 78 -7.22 9.15 -22.09
N GLU A 79 -7.83 8.12 -22.64
CA GLU A 79 -8.38 8.12 -23.99
C GLU A 79 -9.75 8.79 -24.04
N LEU A 80 -10.47 8.90 -22.92
CA LEU A 80 -11.74 9.60 -22.88
C LEU A 80 -11.61 11.03 -22.38
N CYS A 81 -10.68 11.29 -21.45
CA CYS A 81 -10.64 12.56 -20.74
C CYS A 81 -9.55 13.44 -21.37
N LEU A 82 -9.85 13.92 -22.60
CA LEU A 82 -8.96 14.76 -23.36
C LEU A 82 -9.04 16.20 -22.85
N PRO A 83 -8.00 17.03 -23.07
CA PRO A 83 -7.99 18.43 -22.63
C PRO A 83 -9.09 19.25 -23.31
N LYS A 84 -9.81 20.12 -22.58
CA LYS A 84 -10.79 20.99 -23.23
C LYS A 84 -10.07 21.83 -24.27
N THR A 85 -9.02 22.52 -23.80
CA THR A 85 -8.21 23.43 -24.59
C THR A 85 -6.75 23.03 -24.35
N GLN A 86 -5.88 23.29 -25.33
CA GLN A 86 -4.45 23.08 -25.16
C GLN A 86 -3.83 24.11 -24.23
N ASP A 87 -4.63 24.84 -23.42
CA ASP A 87 -4.11 25.78 -22.44
C ASP A 87 -3.59 25.06 -21.19
N VAL A 88 -2.31 25.26 -20.89
CA VAL A 88 -1.75 24.87 -19.62
C VAL A 88 -2.54 25.51 -18.49
N LYS A 89 -2.82 24.73 -17.44
CA LYS A 89 -3.51 25.26 -16.28
C LYS A 89 -2.52 25.36 -15.14
N ASP A 90 -1.77 24.28 -14.91
CA ASP A 90 -0.81 24.26 -13.84
C ASP A 90 0.33 23.30 -14.21
N THR A 91 1.38 23.29 -13.39
CA THR A 91 2.38 22.25 -13.43
C THR A 91 2.34 21.56 -12.08
N CYS A 92 2.50 20.22 -12.05
CA CYS A 92 2.35 19.47 -10.81
C CYS A 92 3.45 18.42 -10.67
N THR A 93 3.75 18.08 -9.42
CA THR A 93 4.64 16.98 -9.12
C THR A 93 3.90 15.92 -8.35
N ALA A 94 4.04 14.66 -8.77
CA ALA A 94 3.41 13.57 -8.04
C ALA A 94 4.43 12.49 -7.74
N VAL A 95 4.28 11.85 -6.58
CA VAL A 95 5.08 10.70 -6.22
C VAL A 95 4.20 9.47 -6.22
N ILE A 96 4.58 8.47 -7.05
CA ILE A 96 3.78 7.28 -7.26
C ILE A 96 4.63 6.07 -6.96
N TYR A 97 4.21 5.19 -6.01
CA TYR A 97 4.87 3.91 -5.80
C TYR A 97 4.15 2.84 -6.62
N ASP A 98 4.86 2.16 -7.50
CA ASP A 98 4.34 1.11 -8.36
C ASP A 98 4.96 -0.22 -7.96
N VAL A 99 4.12 -1.21 -7.62
CA VAL A 99 4.54 -2.59 -7.37
C VAL A 99 3.69 -3.53 -8.23
N PRO A 100 4.07 -3.71 -9.50
CA PRO A 100 3.39 -4.66 -10.38
C PRO A 100 3.18 -6.03 -9.78
N TRP A 101 4.17 -6.54 -9.04
CA TRP A 101 4.15 -7.91 -8.54
C TRP A 101 2.92 -8.18 -7.69
N LEU A 102 2.40 -7.13 -7.04
CA LEU A 102 1.20 -7.24 -6.22
C LEU A 102 0.04 -6.43 -6.81
N ASN A 103 0.19 -5.95 -8.03
CA ASN A 103 -0.77 -5.05 -8.66
C ASN A 103 -1.24 -3.98 -7.67
N GLN A 104 -0.27 -3.35 -7.04
CA GLN A 104 -0.52 -2.22 -6.20
C GLN A 104 0.16 -1.04 -6.89
N ARG A 105 -0.45 0.11 -6.73
CA ARG A 105 0.06 1.35 -7.23
C ARG A 105 -0.61 2.43 -6.39
N SER A 106 0.15 3.36 -5.85
CA SER A 106 -0.41 4.36 -4.95
C SER A 106 0.27 5.71 -5.17
N VAL A 107 -0.49 6.79 -5.01
CA VAL A 107 0.01 8.15 -4.97
C VAL A 107 0.18 8.63 -3.51
N SER A 108 1.38 9.03 -3.15
CA SER A 108 1.71 9.45 -1.80
C SER A 108 1.68 10.96 -1.61
N SER A 109 2.12 11.73 -2.63
CA SER A 109 2.06 13.18 -2.68
C SER A 109 1.55 13.60 -4.07
N PHE A 110 0.93 14.79 -4.13
CA PHE A 110 0.45 15.44 -5.34
C PHE A 110 0.35 16.93 -5.03
N THR A 111 1.16 17.77 -5.66
CA THR A 111 1.15 19.20 -5.39
C THR A 111 1.35 19.95 -6.69
N CYS A 112 0.64 21.07 -6.84
CA CYS A 112 0.77 21.89 -8.04
C CYS A 112 1.34 23.26 -7.67
N GLY A 113 1.17 24.24 -8.56
CA GLY A 113 1.86 25.52 -8.46
C GLY A 113 3.37 25.32 -8.29
N VAL A 114 3.93 24.38 -9.07
CA VAL A 114 5.36 24.15 -9.10
C VAL A 114 5.95 25.12 -10.13
N LEU B 7 14.70 -2.00 2.16
CA LEU B 7 15.93 -1.55 1.45
C LEU B 7 15.58 -0.53 0.36
N VAL B 8 16.41 0.48 0.13
CA VAL B 8 16.07 1.51 -0.82
C VAL B 8 17.29 1.86 -1.66
N GLY B 9 17.05 1.92 -2.97
CA GLY B 9 18.03 2.33 -3.97
C GLY B 9 18.09 3.86 -3.99
N GLY B 10 19.03 4.39 -4.78
CA GLY B 10 19.22 5.82 -4.84
C GLY B 10 18.25 6.40 -5.86
N TRP B 11 17.76 7.62 -5.60
CA TRP B 11 17.10 8.44 -6.61
C TRP B 11 17.95 8.69 -7.84
N GLN B 12 17.39 8.47 -9.01
CA GLN B 12 18.05 8.61 -10.29
C GLN B 12 17.19 9.46 -11.21
N LYS B 13 17.79 10.47 -11.82
CA LYS B 13 17.09 11.25 -12.84
C LYS B 13 17.03 10.36 -14.08
N LYS B 14 15.86 10.37 -14.73
CA LYS B 14 15.63 9.56 -15.91
C LYS B 14 15.12 10.55 -16.93
N PRO B 15 15.46 10.37 -18.23
CA PRO B 15 14.85 11.12 -19.31
C PRO B 15 13.40 10.72 -19.57
N VAL B 16 12.61 11.76 -19.81
CA VAL B 16 11.21 11.71 -20.18
C VAL B 16 11.10 11.08 -21.54
N ASP B 17 11.90 11.54 -22.53
CA ASP B 17 12.04 10.83 -23.81
C ASP B 17 10.66 10.52 -24.37
N GLY B 18 10.49 9.24 -24.68
CA GLY B 18 9.17 8.72 -25.07
C GLY B 18 8.38 8.20 -23.88
N ASN B 19 9.15 7.79 -22.85
CA ASN B 19 8.77 6.84 -21.83
C ASN B 19 7.28 6.87 -21.51
N GLN B 20 6.62 5.78 -21.91
CA GLN B 20 5.17 5.67 -21.91
C GLN B 20 4.68 5.39 -20.51
N LEU B 21 5.50 4.68 -19.71
CA LEU B 21 5.18 4.41 -18.33
C LEU B 21 4.99 5.70 -17.53
N PHE B 22 5.83 6.67 -17.78
CA PHE B 22 5.78 7.91 -17.02
C PHE B 22 4.46 8.61 -17.36
N THR B 23 4.07 8.60 -18.64
CA THR B 23 2.81 9.21 -19.07
C THR B 23 1.68 8.45 -18.35
N GLU B 24 1.76 7.10 -18.33
CA GLU B 24 0.73 6.29 -17.73
C GLU B 24 0.66 6.58 -16.22
N LEU B 25 1.82 6.77 -15.59
CA LEU B 25 1.82 7.05 -14.18
C LEU B 25 1.33 8.48 -13.89
N ALA B 26 1.69 9.46 -14.70
CA ALA B 26 1.13 10.78 -14.51
C ALA B 26 -0.42 10.78 -14.61
N HIS B 27 -0.96 10.13 -15.65
CA HIS B 27 -2.40 10.03 -15.85
C HIS B 27 -3.06 9.39 -14.65
N PHE B 28 -2.40 8.35 -14.13
CA PHE B 28 -2.86 7.62 -12.96
C PHE B 28 -2.99 8.56 -11.79
N ALA B 29 -1.94 9.31 -11.47
CA ALA B 29 -2.02 10.29 -10.38
C ALA B 29 -3.11 11.35 -10.63
N VAL B 30 -3.14 12.01 -11.79
CA VAL B 30 -4.08 13.12 -12.03
C VAL B 30 -5.51 12.61 -12.01
N GLY B 31 -5.76 11.43 -12.60
CA GLY B 31 -7.11 10.85 -12.61
C GLY B 31 -7.65 10.43 -11.25
N ASN B 32 -6.80 10.51 -10.19
CA ASN B 32 -7.26 10.13 -8.86
C ASN B 32 -7.38 11.39 -7.98
N GLN B 33 -7.34 12.60 -8.58
CA GLN B 33 -7.57 13.85 -7.86
C GLN B 33 -8.94 14.44 -8.19
N VAL B 34 -9.91 14.24 -7.30
CA VAL B 34 -11.29 14.69 -7.51
C VAL B 34 -11.65 15.89 -6.64
N GLY B 35 -10.68 16.48 -5.91
CA GLY B 35 -10.97 17.55 -4.97
C GLY B 35 -11.11 18.92 -5.64
N ASP B 36 -12.17 19.67 -5.28
CA ASP B 36 -12.33 21.10 -5.59
C ASP B 36 -12.48 21.33 -7.10
N ARG B 37 -13.20 20.43 -7.77
CA ARG B 37 -13.14 20.29 -9.21
C ARG B 37 -14.42 19.62 -9.70
N GLU B 38 -15.00 20.16 -10.78
CA GLU B 38 -16.17 19.56 -11.38
C GLU B 38 -15.67 18.53 -12.39
N PHE B 39 -14.57 18.89 -13.07
CA PHE B 39 -14.01 18.01 -14.09
C PHE B 39 -12.59 17.62 -13.71
N PHE B 40 -12.25 16.36 -13.98
CA PHE B 40 -10.88 15.92 -13.88
C PHE B 40 -9.98 16.79 -14.72
N ASP B 41 -8.77 17.05 -14.19
CA ASP B 41 -7.64 17.47 -14.97
C ASP B 41 -6.99 16.25 -15.65
N THR B 42 -6.24 16.51 -16.72
CA THR B 42 -5.55 15.49 -17.49
C THR B 42 -4.15 16.01 -17.77
N VAL B 43 -3.30 15.14 -18.28
CA VAL B 43 -1.87 15.40 -18.37
C VAL B 43 -1.63 15.88 -19.79
N LEU B 44 -0.90 17.00 -19.92
CA LEU B 44 -0.47 17.52 -21.21
C LEU B 44 0.88 16.97 -21.60
N GLU B 45 1.88 17.12 -20.73
CA GLU B 45 3.18 16.48 -20.94
C GLU B 45 3.96 16.47 -19.63
N VAL B 46 4.83 15.47 -19.54
CA VAL B 46 5.75 15.25 -18.44
C VAL B 46 7.04 16.00 -18.77
N ILE B 47 7.71 16.56 -17.76
CA ILE B 47 8.91 17.37 -18.01
C ILE B 47 10.11 16.93 -17.15
N ASP B 48 9.88 16.37 -15.94
CA ASP B 48 10.93 15.71 -15.17
C ASP B 48 10.47 14.32 -14.71
N ALA B 49 11.44 13.45 -14.45
CA ALA B 49 11.23 12.11 -13.96
C ALA B 49 12.43 11.65 -13.15
N GLU B 50 12.18 11.17 -11.92
CA GLU B 50 13.18 10.53 -11.09
C GLU B 50 12.57 9.22 -10.57
N THR B 51 13.43 8.24 -10.29
CA THR B 51 13.01 6.96 -9.79
C THR B 51 13.91 6.46 -8.65
N GLN B 52 13.34 5.54 -7.88
CA GLN B 52 13.93 5.01 -6.68
C GLN B 52 13.36 3.60 -6.57
N VAL B 53 14.23 2.61 -6.68
CA VAL B 53 13.86 1.24 -6.30
C VAL B 53 13.65 1.22 -4.81
N VAL B 54 12.53 0.63 -4.38
CA VAL B 54 12.27 0.46 -2.97
C VAL B 54 11.83 -0.98 -2.81
N ALA B 55 12.56 -1.75 -2.01
CA ALA B 55 12.17 -3.10 -1.71
C ALA B 55 11.49 -3.16 -0.35
N GLY B 56 10.29 -3.74 -0.34
CA GLY B 56 9.59 -4.07 0.88
C GLY B 56 9.74 -5.57 1.13
N THR B 57 9.10 -6.05 2.20
CA THR B 57 9.10 -7.45 2.55
C THR B 57 7.68 -7.87 2.85
N ASN B 58 7.32 -9.00 2.24
CA ASN B 58 6.03 -9.62 2.39
C ASN B 58 6.19 -10.67 3.48
N TYR B 59 5.31 -10.67 4.49
CA TYR B 59 5.44 -11.58 5.61
C TYR B 59 4.22 -12.47 5.65
N ARG B 60 4.43 -13.82 5.63
CA ARG B 60 3.36 -14.79 5.77
C ARG B 60 3.45 -15.44 7.13
N LEU B 61 2.53 -15.06 8.01
CA LEU B 61 2.62 -15.42 9.41
C LEU B 61 1.42 -16.27 9.78
N THR B 62 1.68 -17.36 10.51
CA THR B 62 0.62 -18.19 11.06
C THR B 62 0.72 -18.05 12.57
N PHE B 63 -0.42 -17.94 13.23
CA PHE B 63 -0.38 -17.65 14.65
C PHE B 63 -1.69 -18.06 15.29
N LYS B 64 -1.58 -18.39 16.58
CA LYS B 64 -2.74 -18.74 17.38
C LYS B 64 -3.28 -17.46 18.00
N ILE B 65 -4.62 -17.34 18.03
CA ILE B 65 -5.30 -16.21 18.63
C ILE B 65 -6.15 -16.61 19.85
N ALA B 66 -6.43 -15.60 20.67
CA ALA B 66 -7.36 -15.67 21.78
C ALA B 66 -8.31 -14.48 21.67
N GLU B 67 -9.46 -14.56 22.31
CA GLU B 67 -10.34 -13.41 22.38
C GLU B 67 -9.69 -12.48 23.38
N SER B 68 -9.70 -11.19 23.05
CA SER B 68 -9.01 -10.17 23.81
C SER B 68 -10.04 -9.50 24.71
N THR B 69 -9.60 -8.64 25.62
CA THR B 69 -10.48 -7.93 26.52
C THR B 69 -10.98 -6.61 25.92
N CYS B 70 -10.50 -6.25 24.73
CA CYS B 70 -10.92 -4.98 24.15
C CYS B 70 -12.11 -5.16 23.23
N ARG B 71 -13.14 -4.31 23.45
CA ARG B 71 -14.27 -4.18 22.55
C ARG B 71 -13.81 -3.55 21.23
N VAL B 72 -14.49 -3.92 20.15
CA VAL B 72 -14.25 -3.40 18.81
C VAL B 72 -14.43 -1.87 18.78
N THR B 73 -15.22 -1.34 19.73
CA THR B 73 -15.48 0.10 19.83
C THR B 73 -14.19 0.84 20.21
N GLU B 74 -13.29 0.12 20.89
CA GLU B 74 -12.11 0.71 21.51
C GLU B 74 -10.96 0.63 20.52
N THR B 75 -9.77 1.05 20.98
CA THR B 75 -8.54 1.02 20.21
C THR B 75 -7.76 -0.26 20.51
N TYR B 76 -7.39 -1.03 19.47
CA TYR B 76 -6.46 -2.13 19.65
C TYR B 76 -5.01 -1.66 19.92
N THR B 77 -4.38 -2.31 20.90
CA THR B 77 -2.96 -2.22 21.21
C THR B 77 -2.57 -3.55 21.86
N LYS B 78 -1.34 -4.01 21.64
CA LYS B 78 -0.97 -5.32 22.14
C LYS B 78 -0.99 -5.26 23.67
N GLU B 79 -0.53 -4.11 24.18
CA GLU B 79 -0.30 -3.89 25.60
C GLU B 79 -1.62 -3.63 26.35
N LEU B 80 -2.68 -3.18 25.68
CA LEU B 80 -3.98 -2.98 26.31
C LEU B 80 -4.90 -4.19 26.12
N CYS B 81 -4.86 -4.82 24.94
CA CYS B 81 -5.84 -5.83 24.55
C CYS B 81 -5.25 -7.21 24.75
N LEU B 82 -4.96 -7.55 26.01
CA LEU B 82 -4.37 -8.84 26.38
C LEU B 82 -5.44 -9.92 26.31
N PRO B 83 -5.05 -11.21 26.12
CA PRO B 83 -6.04 -12.29 25.93
C PRO B 83 -6.79 -12.52 27.24
N LYS B 84 -8.11 -12.77 27.17
CA LYS B 84 -8.89 -13.08 28.36
C LYS B 84 -8.24 -14.25 29.10
N THR B 85 -8.07 -15.34 28.37
CA THR B 85 -7.50 -16.58 28.88
C THR B 85 -6.31 -16.97 28.00
N GLN B 86 -5.30 -17.60 28.59
CA GLN B 86 -4.24 -18.22 27.81
C GLN B 86 -4.77 -19.55 27.21
N ASP B 87 -5.98 -19.48 26.60
CA ASP B 87 -6.61 -20.60 25.92
C ASP B 87 -6.88 -20.27 24.45
N VAL B 88 -6.29 -21.04 23.55
CA VAL B 88 -6.40 -20.83 22.12
C VAL B 88 -7.87 -20.87 21.70
N LYS B 89 -8.27 -20.02 20.75
CA LYS B 89 -9.61 -20.09 20.19
C LYS B 89 -9.61 -20.36 18.69
N ASP B 90 -8.55 -20.01 17.96
CA ASP B 90 -8.46 -20.32 16.54
C ASP B 90 -6.98 -20.19 16.13
N THR B 91 -6.63 -20.65 14.94
CA THR B 91 -5.32 -20.34 14.36
C THR B 91 -5.58 -19.58 13.06
N CYS B 92 -4.73 -18.57 12.74
CA CYS B 92 -4.93 -17.76 11.55
C CYS B 92 -3.64 -17.55 10.78
N THR B 93 -3.80 -17.26 9.50
CA THR B 93 -2.68 -16.90 8.64
C THR B 93 -2.92 -15.53 8.06
N ALA B 94 -1.89 -14.69 8.14
CA ALA B 94 -1.94 -13.38 7.52
C ALA B 94 -0.72 -13.19 6.64
N VAL B 95 -0.92 -12.46 5.56
CA VAL B 95 0.18 -11.96 4.76
C VAL B 95 0.24 -10.45 4.90
N ILE B 96 1.39 -9.92 5.34
CA ILE B 96 1.57 -8.47 5.51
C ILE B 96 2.70 -7.96 4.65
N TYR B 97 2.43 -6.99 3.78
CA TYR B 97 3.47 -6.28 3.05
C TYR B 97 3.90 -5.05 3.82
N ASP B 98 5.19 -4.99 4.18
CA ASP B 98 5.78 -3.92 4.97
C ASP B 98 6.80 -3.17 4.13
N VAL B 99 6.58 -1.85 3.98
CA VAL B 99 7.54 -0.95 3.36
C VAL B 99 7.88 0.19 4.32
N PRO B 100 8.80 0.00 5.28
CA PRO B 100 9.07 0.98 6.34
C PRO B 100 9.54 2.30 5.74
N TRP B 101 10.24 2.20 4.60
CA TRP B 101 10.81 3.38 3.96
C TRP B 101 9.73 4.34 3.50
N LEU B 102 8.53 3.85 3.19
CA LEU B 102 7.39 4.72 2.89
C LEU B 102 6.34 4.69 4.01
N ASN B 103 6.65 4.05 5.14
CA ASN B 103 5.67 3.96 6.21
C ASN B 103 4.34 3.45 5.65
N GLN B 104 4.43 2.43 4.81
CA GLN B 104 3.25 1.76 4.34
C GLN B 104 3.27 0.36 4.91
N ARG B 105 2.10 -0.11 5.28
CA ARG B 105 1.96 -1.45 5.76
C ARG B 105 0.56 -1.90 5.43
N SER B 106 0.40 -3.13 4.92
CA SER B 106 -0.90 -3.58 4.46
C SER B 106 -1.03 -5.07 4.71
N VAL B 107 -2.25 -5.51 4.97
CA VAL B 107 -2.62 -6.91 5.08
C VAL B 107 -3.35 -7.31 3.79
N SER B 108 -2.77 -8.25 3.05
CA SER B 108 -3.32 -8.62 1.76
C SER B 108 -4.32 -9.75 1.91
N SER B 109 -4.09 -10.61 2.93
CA SER B 109 -5.01 -11.68 3.24
C SER B 109 -4.97 -11.97 4.72
N PHE B 110 -6.13 -12.38 5.26
CA PHE B 110 -6.32 -12.76 6.64
C PHE B 110 -7.41 -13.83 6.68
N THR B 111 -7.03 -15.06 7.06
CA THR B 111 -7.96 -16.17 7.07
C THR B 111 -7.69 -17.04 8.28
N CYS B 112 -8.74 -17.63 8.87
CA CYS B 112 -8.55 -18.45 10.07
C CYS B 112 -8.91 -19.92 9.83
N GLY B 113 -8.13 -20.58 8.96
CA GLY B 113 -7.98 -22.03 8.97
C GLY B 113 -6.63 -22.46 9.54
N VAL B 114 -6.64 -23.61 10.21
CA VAL B 114 -5.48 -24.07 10.96
C VAL B 114 -4.92 -25.33 10.32
N ASN B 115 -3.60 -25.50 10.46
CA ASN B 115 -2.92 -26.51 9.68
C ASN B 115 -1.92 -27.19 10.60
N ALA B 116 -1.98 -28.52 10.54
CA ALA B 116 -0.84 -29.40 10.80
C ALA B 116 -0.31 -29.96 9.47
N ALA B 117 -0.48 -29.21 8.36
CA ALA B 117 0.05 -29.54 7.04
C ALA B 117 1.24 -30.52 7.12
#